data_3UZC
#
_entry.id   3UZC
#
_cell.length_a   110.700
_cell.length_b   112.064
_cell.length_c   126.900
_cell.angle_alpha   90.00
_cell.angle_beta   90.00
_cell.angle_gamma   90.00
#
_symmetry.space_group_name_H-M   'I 2 2 2'
#
loop_
_entity.id
_entity.type
_entity.pdbx_description
1 polymer 'Adenosine A2A Receptor'
2 non-polymer 4-(3-amino-5-phenyl-1,2,4-triazin-6-yl)-2-chlorophenol
#
_entity_poly.entity_id   1
_entity_poly.type   'polypeptide(L)'
_entity_poly.pdbx_seq_one_letter_code
;MPIMGSSVYITVELAIAVLAILGNVLVCWAVWLNSNLQNVTNYFVVSLAAADILVGVLAIPFAITISTGFCAACHGCLFI
ACFVLVLAQSSIFSLLAIAIDRYIAIAIPLRYNGLVTGTRAAGIIAICWVLSFAIGLTPMLGWNNCGQPKEGKNHSQGCG
EGQVACLFEDVVPMNYMVYFNFFACVLVPLLLMLGVYLRIFAAARRQLKQMESQPLPGERARSTLQKEVHAAKSAAIIAG
LFALCWLPLHIINCFTFFCPDCSHAPLWLMYLAIVLAHTNSVVNPFIYAYRIREFRQTFRKIIRSHVLRQQEPFKAAAAH
HHHHHHHHH
;
_entity_poly.pdbx_strand_id   A
#
# COMPACT_ATOMS: atom_id res chain seq x y z
N SER A 7 7.58 -23.64 14.02
CA SER A 7 7.32 -23.58 12.58
C SER A 7 5.88 -23.15 12.30
N VAL A 8 5.29 -22.41 13.23
CA VAL A 8 3.93 -21.90 13.07
C VAL A 8 3.93 -20.57 12.34
N TYR A 9 4.79 -19.66 12.78
CA TYR A 9 4.97 -18.37 12.12
C TYR A 9 5.27 -18.58 10.64
N ILE A 10 6.13 -19.56 10.36
CA ILE A 10 6.48 -19.90 8.99
C ILE A 10 5.26 -20.33 8.20
N THR A 11 4.46 -21.22 8.80
CA THR A 11 3.26 -21.72 8.15
C THR A 11 2.28 -20.59 7.82
N VAL A 12 2.04 -19.72 8.80
CA VAL A 12 1.13 -18.59 8.61
C VAL A 12 1.63 -17.64 7.51
N GLU A 13 2.93 -17.33 7.56
CA GLU A 13 3.52 -16.45 6.55
C GLU A 13 3.39 -17.06 5.16
N LEU A 14 3.58 -18.36 5.05
CA LEU A 14 3.42 -19.07 3.79
C LEU A 14 1.97 -19.00 3.31
N ALA A 15 1.04 -19.17 4.25
CA ALA A 15 -0.38 -19.11 3.94
C ALA A 15 -0.75 -17.75 3.34
N ILE A 16 -0.19 -16.68 3.92
CA ILE A 16 -0.44 -15.34 3.42
C ILE A 16 0.14 -15.15 2.02
N ALA A 17 1.38 -15.58 1.83
CA ALA A 17 2.06 -15.45 0.55
C ALA A 17 1.20 -15.98 -0.60
N VAL A 18 0.56 -17.11 -0.37
CA VAL A 18 -0.29 -17.73 -1.39
C VAL A 18 -1.48 -16.84 -1.74
N LEU A 19 -2.22 -16.41 -0.73
CA LEU A 19 -3.38 -15.54 -0.93
C LEU A 19 -2.99 -14.22 -1.58
N ALA A 20 -1.86 -13.65 -1.13
CA ALA A 20 -1.37 -12.40 -1.67
C ALA A 20 -1.13 -12.51 -3.18
N ILE A 21 -0.57 -13.65 -3.59
CA ILE A 21 -0.34 -13.90 -5.01
C ILE A 21 -1.65 -14.14 -5.74
N LEU A 22 -2.34 -15.22 -5.37
CA LEU A 22 -3.61 -15.57 -6.01
C LEU A 22 -4.54 -14.37 -6.12
N GLY A 23 -4.75 -13.69 -5.00
CA GLY A 23 -5.66 -12.56 -4.94
C GLY A 23 -5.36 -11.46 -5.94
N ASN A 24 -4.20 -10.82 -5.79
CA ASN A 24 -3.83 -9.69 -6.63
C ASN A 24 -3.54 -10.09 -8.08
N VAL A 25 -3.08 -11.32 -8.30
CA VAL A 25 -2.89 -11.82 -9.65
C VAL A 25 -4.24 -11.96 -10.33
N LEU A 26 -5.22 -12.44 -9.56
CA LEU A 26 -6.59 -12.54 -10.05
C LEU A 26 -7.11 -11.16 -10.43
N VAL A 27 -6.80 -10.18 -9.60
CA VAL A 27 -7.19 -8.79 -9.86
C VAL A 27 -6.58 -8.28 -11.16
N CYS A 28 -5.30 -8.57 -11.36
CA CYS A 28 -4.60 -8.15 -12.57
C CYS A 28 -5.20 -8.83 -13.80
N TRP A 29 -5.54 -10.09 -13.65
CA TRP A 29 -6.11 -10.88 -14.74
C TRP A 29 -7.51 -10.37 -15.11
N ALA A 30 -8.32 -10.12 -14.09
CA ALA A 30 -9.69 -9.63 -14.30
C ALA A 30 -9.70 -8.29 -15.02
N VAL A 31 -8.67 -7.48 -14.77
CA VAL A 31 -8.56 -6.18 -15.43
C VAL A 31 -8.13 -6.35 -16.88
N TRP A 32 -7.34 -7.38 -17.15
CA TRP A 32 -6.85 -7.63 -18.50
C TRP A 32 -7.92 -8.27 -19.38
N LEU A 33 -8.87 -8.96 -18.76
CA LEU A 33 -9.96 -9.60 -19.49
C LEU A 33 -11.11 -8.63 -19.73
N ASN A 34 -11.67 -8.11 -18.64
CA ASN A 34 -12.80 -7.20 -18.72
C ASN A 34 -12.36 -5.76 -19.02
N SER A 35 -12.70 -5.29 -20.21
CA SER A 35 -12.31 -3.95 -20.64
C SER A 35 -13.07 -2.86 -19.90
N ASN A 36 -14.12 -3.26 -19.18
CA ASN A 36 -14.91 -2.32 -18.40
C ASN A 36 -14.22 -1.95 -17.09
N LEU A 37 -13.05 -2.56 -16.86
CA LEU A 37 -12.27 -2.31 -15.66
C LEU A 37 -10.93 -1.68 -16.02
N GLN A 38 -10.75 -1.35 -17.30
CA GLN A 38 -9.49 -0.82 -17.78
C GLN A 38 -9.46 0.70 -17.80
N ASN A 39 -10.23 1.33 -16.92
CA ASN A 39 -10.24 2.78 -16.81
C ASN A 39 -8.93 3.31 -16.22
N VAL A 40 -8.70 4.61 -16.38
CA VAL A 40 -7.46 5.22 -15.91
C VAL A 40 -7.26 5.01 -14.41
N THR A 41 -8.36 4.99 -13.67
CA THR A 41 -8.32 4.81 -12.22
C THR A 41 -7.65 3.50 -11.84
N ASN A 42 -8.01 2.43 -12.53
CA ASN A 42 -7.51 1.10 -12.20
C ASN A 42 -6.07 0.84 -12.65
N TYR A 43 -5.49 1.80 -13.37
CA TYR A 43 -4.08 1.71 -13.70
C TYR A 43 -3.25 1.73 -12.42
N PHE A 44 -3.69 2.51 -11.45
CA PHE A 44 -3.03 2.58 -10.16
C PHE A 44 -3.32 1.34 -9.33
N VAL A 45 -4.54 0.84 -9.43
CA VAL A 45 -4.93 -0.39 -8.73
C VAL A 45 -4.03 -1.55 -9.13
N VAL A 46 -3.60 -1.55 -10.39
CA VAL A 46 -2.68 -2.56 -10.88
C VAL A 46 -1.32 -2.40 -10.22
N SER A 47 -0.87 -1.15 -10.10
CA SER A 47 0.38 -0.85 -9.41
C SER A 47 0.31 -1.35 -7.97
N LEU A 48 -0.86 -1.20 -7.37
CA LEU A 48 -1.10 -1.72 -6.03
C LEU A 48 -1.01 -3.24 -6.02
N ALA A 49 -1.58 -3.85 -7.05
CA ALA A 49 -1.55 -5.31 -7.17
C ALA A 49 -0.12 -5.82 -7.31
N ALA A 50 0.58 -5.36 -8.34
CA ALA A 50 1.95 -5.76 -8.58
C ALA A 50 2.79 -5.60 -7.32
N ALA A 51 2.64 -4.46 -6.66
CA ALA A 51 3.36 -4.19 -5.41
C ALA A 51 2.99 -5.22 -4.35
N ASP A 52 1.70 -5.44 -4.18
CA ASP A 52 1.21 -6.38 -3.15
C ASP A 52 1.37 -7.84 -3.56
N ILE A 53 1.80 -8.08 -4.80
CA ILE A 53 2.11 -9.42 -5.24
C ILE A 53 3.54 -9.77 -4.85
N LEU A 54 4.44 -8.82 -5.07
CA LEU A 54 5.85 -9.01 -4.73
C LEU A 54 6.05 -9.20 -3.23
N VAL A 55 5.00 -8.89 -2.46
CA VAL A 55 5.04 -9.13 -1.03
C VAL A 55 5.05 -10.63 -0.77
N GLY A 56 4.08 -11.34 -1.33
CA GLY A 56 4.01 -12.79 -1.19
C GLY A 56 5.04 -13.50 -2.04
N VAL A 57 5.71 -12.74 -2.91
CA VAL A 57 6.70 -13.31 -3.82
C VAL A 57 8.12 -13.10 -3.31
N LEU A 58 8.38 -11.96 -2.70
CA LEU A 58 9.72 -11.62 -2.24
C LEU A 58 9.75 -11.13 -0.79
N ALA A 59 8.93 -10.11 -0.51
CA ALA A 59 8.92 -9.50 0.82
C ALA A 59 8.72 -10.51 1.94
N ILE A 60 7.69 -11.35 1.83
CA ILE A 60 7.44 -12.38 2.83
C ILE A 60 8.56 -13.41 2.88
N PRO A 61 8.97 -13.93 1.71
CA PRO A 61 10.11 -14.85 1.69
C PRO A 61 11.33 -14.26 2.38
N PHE A 62 11.62 -12.98 2.12
CA PHE A 62 12.73 -12.30 2.75
C PHE A 62 12.51 -12.13 4.25
N ALA A 63 11.28 -11.76 4.62
CA ALA A 63 10.93 -11.53 6.01
C ALA A 63 11.13 -12.79 6.86
N ILE A 64 10.75 -13.94 6.32
CA ILE A 64 10.91 -15.21 7.02
C ILE A 64 12.37 -15.59 7.13
N THR A 65 13.16 -15.14 6.16
CA THR A 65 14.60 -15.42 6.15
C THR A 65 15.33 -14.54 7.16
N ILE A 66 15.05 -13.24 7.11
CA ILE A 66 15.71 -12.27 7.96
C ILE A 66 15.30 -12.43 9.43
N SER A 67 14.17 -13.09 9.66
CA SER A 67 13.68 -13.31 11.01
C SER A 67 14.65 -14.16 11.81
N THR A 68 15.23 -15.16 11.15
CA THR A 68 16.21 -16.04 11.79
C THR A 68 17.62 -15.45 11.68
N GLY A 69 17.82 -14.57 10.70
CA GLY A 69 19.09 -13.93 10.49
C GLY A 69 20.06 -14.79 9.72
N PHE A 70 20.84 -14.17 8.83
CA PHE A 70 21.82 -14.89 8.04
C PHE A 70 23.10 -14.06 7.88
N CYS A 71 24.00 -14.53 7.03
CA CYS A 71 25.27 -13.85 6.80
C CYS A 71 25.42 -13.45 5.34
N ALA A 72 25.67 -12.17 5.11
CA ALA A 72 25.87 -11.64 3.76
C ALA A 72 26.44 -10.23 3.80
N ALA A 73 26.95 -9.76 2.67
CA ALA A 73 27.51 -8.42 2.58
C ALA A 73 26.49 -7.37 3.00
N CYS A 74 26.91 -6.11 3.05
CA CYS A 74 26.03 -5.02 3.46
C CYS A 74 24.96 -4.75 2.41
N HIS A 75 25.37 -4.73 1.14
CA HIS A 75 24.44 -4.51 0.04
C HIS A 75 23.36 -5.60 -0.01
N GLY A 76 23.79 -6.85 -0.01
CA GLY A 76 22.88 -7.97 -0.06
C GLY A 76 21.98 -8.08 1.15
N CYS A 77 22.50 -7.66 2.30
CA CYS A 77 21.74 -7.71 3.55
C CYS A 77 20.72 -6.58 3.62
N LEU A 78 21.10 -5.42 3.11
CA LEU A 78 20.21 -4.26 3.10
C LEU A 78 19.03 -4.44 2.15
N PHE A 79 19.31 -4.94 0.95
CA PHE A 79 18.27 -5.15 -0.05
C PHE A 79 17.16 -6.05 0.50
N ILE A 80 17.56 -7.19 1.05
CA ILE A 80 16.60 -8.14 1.62
C ILE A 80 15.86 -7.54 2.81
N ALA A 81 16.50 -6.61 3.50
CA ALA A 81 15.92 -6.00 4.70
C ALA A 81 15.10 -4.76 4.39
N CYS A 82 15.42 -4.11 3.27
CA CYS A 82 14.76 -2.85 2.91
C CYS A 82 13.85 -2.99 1.69
N PHE A 83 13.74 -4.21 1.17
CA PHE A 83 12.89 -4.45 0.01
C PHE A 83 11.42 -4.25 0.34
N VAL A 84 11.05 -4.54 1.58
CA VAL A 84 9.68 -4.37 2.03
C VAL A 84 9.33 -2.90 2.14
N LEU A 85 10.36 -2.07 2.32
CA LEU A 85 10.17 -0.62 2.40
C LEU A 85 9.83 -0.05 1.03
N VAL A 86 10.19 -0.79 -0.02
CA VAL A 86 9.89 -0.39 -1.39
C VAL A 86 8.43 -0.67 -1.72
N LEU A 87 7.99 -1.90 -1.43
CA LEU A 87 6.61 -2.30 -1.70
C LEU A 87 5.63 -1.49 -0.85
N ALA A 88 6.04 -1.13 0.36
CA ALA A 88 5.18 -0.37 1.26
C ALA A 88 5.12 1.09 0.86
N GLN A 89 6.18 1.58 0.21
CA GLN A 89 6.23 2.97 -0.24
C GLN A 89 5.49 3.14 -1.56
N SER A 90 5.58 2.14 -2.43
CA SER A 90 4.86 2.16 -3.69
C SER A 90 3.35 2.17 -3.45
N SER A 91 2.92 1.47 -2.40
CA SER A 91 1.52 1.43 -2.02
C SER A 91 1.05 2.82 -1.57
N ILE A 92 1.95 3.55 -0.92
CA ILE A 92 1.64 4.90 -0.46
C ILE A 92 1.29 5.81 -1.63
N PHE A 93 2.11 5.80 -2.67
CA PHE A 93 1.87 6.61 -3.86
C PHE A 93 0.60 6.18 -4.58
N SER A 94 0.42 4.87 -4.72
CA SER A 94 -0.77 4.32 -5.37
C SER A 94 -2.03 4.74 -4.62
N LEU A 95 -2.02 4.57 -3.31
CA LEU A 95 -3.16 4.92 -2.48
C LEU A 95 -3.43 6.43 -2.50
N LEU A 96 -2.37 7.20 -2.62
CA LEU A 96 -2.49 8.65 -2.67
C LEU A 96 -3.03 9.12 -4.02
N ALA A 97 -2.55 8.50 -5.09
CA ALA A 97 -3.00 8.83 -6.44
C ALA A 97 -4.48 8.52 -6.60
N ILE A 98 -4.89 7.33 -6.17
CA ILE A 98 -6.29 6.93 -6.21
C ILE A 98 -7.16 7.93 -5.47
N ALA A 99 -6.67 8.40 -4.32
CA ALA A 99 -7.39 9.40 -3.54
C ALA A 99 -7.58 10.69 -4.33
N ILE A 100 -6.48 11.20 -4.89
CA ILE A 100 -6.51 12.40 -5.71
C ILE A 100 -7.46 12.20 -6.89
N ASP A 101 -7.33 11.05 -7.55
CA ASP A 101 -8.16 10.72 -8.69
C ASP A 101 -9.64 10.78 -8.35
N ARG A 102 -10.03 10.08 -7.29
CA ARG A 102 -11.43 10.05 -6.87
C ARG A 102 -11.93 11.42 -6.45
N TYR A 103 -11.00 12.34 -6.19
CA TYR A 103 -11.36 13.71 -5.85
C TYR A 103 -11.54 14.55 -7.10
N ILE A 104 -10.66 14.33 -8.08
CA ILE A 104 -10.71 15.07 -9.34
C ILE A 104 -12.03 14.84 -10.08
N ALA A 105 -12.52 13.61 -10.02
CA ALA A 105 -13.77 13.25 -10.68
C ALA A 105 -14.97 13.99 -10.08
N ILE A 106 -15.07 13.94 -8.76
CA ILE A 106 -16.19 14.58 -8.06
C ILE A 106 -16.06 16.10 -8.05
N ALA A 107 -14.85 16.59 -7.80
CA ALA A 107 -14.60 18.02 -7.77
C ALA A 107 -14.79 18.65 -9.15
N ILE A 108 -14.05 18.13 -10.13
CA ILE A 108 -14.14 18.63 -11.50
C ILE A 108 -14.35 17.49 -12.48
N PRO A 109 -15.62 17.09 -12.67
CA PRO A 109 -15.98 15.97 -13.57
C PRO A 109 -15.64 16.26 -15.02
N LEU A 110 -15.70 17.53 -15.42
CA LEU A 110 -15.42 17.91 -16.80
C LEU A 110 -13.94 17.80 -17.15
N ARG A 111 -13.10 18.48 -16.38
CA ARG A 111 -11.66 18.46 -16.62
C ARG A 111 -11.05 17.11 -16.25
N TYR A 112 -11.85 16.26 -15.62
CA TYR A 112 -11.38 14.94 -15.19
C TYR A 112 -10.76 14.16 -16.35
N ASN A 113 -11.50 14.06 -17.45
CA ASN A 113 -11.03 13.33 -18.61
C ASN A 113 -9.91 14.05 -19.34
N GLY A 114 -9.81 15.36 -19.12
CA GLY A 114 -8.78 16.17 -19.75
C GLY A 114 -7.45 16.10 -19.02
N LEU A 115 -7.51 15.97 -17.70
CA LEU A 115 -6.31 15.90 -16.88
C LEU A 115 -5.93 14.45 -16.61
N VAL A 116 -6.83 13.71 -15.97
CA VAL A 116 -6.61 12.30 -15.68
C VAL A 116 -6.61 11.48 -16.96
N THR A 117 -5.43 11.29 -17.55
CA THR A 117 -5.30 10.55 -18.79
C THR A 117 -4.67 9.19 -18.55
N GLY A 118 -4.91 8.25 -19.47
CA GLY A 118 -4.34 6.91 -19.36
C GLY A 118 -2.84 6.91 -19.54
N THR A 119 -2.33 7.98 -20.15
CA THR A 119 -0.89 8.13 -20.36
C THR A 119 -0.19 8.66 -19.11
N ARG A 120 -0.73 9.75 -18.56
CA ARG A 120 -0.19 10.34 -17.35
C ARG A 120 -0.18 9.32 -16.21
N ALA A 121 -1.19 8.45 -16.20
CA ALA A 121 -1.28 7.41 -15.19
C ALA A 121 -0.03 6.54 -15.20
N ALA A 122 0.28 5.97 -16.35
CA ALA A 122 1.46 5.14 -16.52
C ALA A 122 2.73 5.92 -16.19
N GLY A 123 2.72 7.21 -16.51
CA GLY A 123 3.85 8.07 -16.23
C GLY A 123 4.06 8.26 -14.74
N ILE A 124 3.00 8.64 -14.04
CA ILE A 124 3.05 8.83 -12.59
C ILE A 124 3.49 7.55 -11.90
N ILE A 125 2.87 6.44 -12.27
CA ILE A 125 3.20 5.14 -11.69
C ILE A 125 4.70 4.86 -11.77
N ALA A 126 5.26 5.02 -12.96
CA ALA A 126 6.69 4.80 -13.17
C ALA A 126 7.51 5.67 -12.21
N ILE A 127 7.16 6.94 -12.11
CA ILE A 127 7.86 7.86 -11.23
C ILE A 127 7.76 7.42 -9.78
N CYS A 128 6.55 7.06 -9.36
CA CYS A 128 6.32 6.61 -7.99
C CYS A 128 7.22 5.44 -7.62
N TRP A 129 7.34 4.48 -8.54
CA TRP A 129 8.20 3.32 -8.31
C TRP A 129 9.67 3.73 -8.16
N VAL A 130 10.11 4.64 -9.02
CA VAL A 130 11.47 5.16 -8.96
C VAL A 130 11.71 5.84 -7.61
N LEU A 131 10.76 6.65 -7.18
CA LEU A 131 10.84 7.33 -5.90
C LEU A 131 10.76 6.33 -4.75
N SER A 132 10.05 5.23 -4.98
CA SER A 132 9.89 4.19 -3.97
C SER A 132 11.21 3.47 -3.71
N PHE A 133 11.96 3.20 -4.78
CA PHE A 133 13.27 2.57 -4.64
C PHE A 133 14.27 3.53 -4.00
N ALA A 134 14.22 4.79 -4.42
CA ALA A 134 15.10 5.81 -3.85
C ALA A 134 14.88 5.92 -2.34
N ILE A 135 13.62 6.04 -1.94
CA ILE A 135 13.27 6.15 -0.53
C ILE A 135 13.47 4.84 0.22
N GLY A 136 12.82 3.79 -0.25
CA GLY A 136 12.87 2.49 0.40
C GLY A 136 14.27 1.92 0.56
N LEU A 137 15.18 2.31 -0.33
CA LEU A 137 16.55 1.81 -0.26
C LEU A 137 17.53 2.93 0.09
N THR A 138 17.06 3.93 0.81
CA THR A 138 17.92 5.02 1.28
C THR A 138 19.00 4.53 2.25
N PRO A 139 18.66 3.56 3.12
CA PRO A 139 19.69 2.98 4.00
C PRO A 139 20.85 2.39 3.22
N MET A 140 20.61 2.02 1.97
CA MET A 140 21.68 1.47 1.12
C MET A 140 22.58 2.58 0.59
N LEU A 141 22.11 3.82 0.68
CA LEU A 141 22.87 4.97 0.20
C LEU A 141 23.96 5.35 1.19
N GLY A 142 24.02 4.64 2.31
CA GLY A 142 25.02 4.89 3.33
C GLY A 142 24.42 5.07 4.71
N TRP A 143 23.10 5.27 4.76
CA TRP A 143 22.39 5.46 6.01
C TRP A 143 22.08 4.12 6.67
N ASN A 144 23.12 3.42 7.11
CA ASN A 144 22.95 2.10 7.70
C ASN A 144 23.85 1.84 8.91
N ASN A 145 23.61 0.72 9.58
CA ASN A 145 24.42 0.34 10.74
C ASN A 145 25.18 -0.96 10.51
N CYS A 146 25.83 -1.06 9.35
CA CYS A 146 26.60 -2.24 9.01
C CYS A 146 27.95 -2.25 9.73
N GLY A 147 28.08 -3.12 10.73
CA GLY A 147 29.32 -3.25 11.47
C GLY A 147 29.45 -2.30 12.63
N GLN A 148 28.33 -1.72 13.05
CA GLN A 148 28.32 -0.82 14.19
C GLN A 148 28.47 -1.60 15.49
N PRO A 149 29.33 -1.09 16.40
CA PRO A 149 29.62 -1.74 17.68
C PRO A 149 28.35 -2.19 18.41
N GLY A 158 31.71 -15.15 14.09
CA GLY A 158 30.30 -15.08 13.74
C GLY A 158 30.04 -15.39 12.28
N CYS A 159 30.19 -14.38 11.43
CA CYS A 159 29.98 -14.54 10.00
C CYS A 159 31.29 -14.37 9.22
N GLY A 160 32.28 -13.79 9.87
CA GLY A 160 33.58 -13.58 9.25
C GLY A 160 33.66 -12.23 8.56
N GLU A 161 34.89 -11.79 8.27
CA GLU A 161 35.11 -10.52 7.62
C GLU A 161 34.44 -10.48 6.25
N GLY A 162 33.80 -9.36 5.93
CA GLY A 162 33.08 -9.21 4.69
C GLY A 162 31.59 -9.42 4.88
N GLN A 163 31.23 -10.53 5.51
CA GLN A 163 29.83 -10.84 5.79
C GLN A 163 29.39 -10.24 7.11
N VAL A 164 28.16 -9.75 7.15
CA VAL A 164 27.62 -9.11 8.36
C VAL A 164 26.34 -9.81 8.81
N ALA A 165 26.21 -10.01 10.13
CA ALA A 165 25.01 -10.61 10.69
C ALA A 165 23.79 -9.79 10.29
N CYS A 166 23.06 -10.29 9.28
CA CYS A 166 21.93 -9.56 8.72
C CYS A 166 20.71 -9.59 9.63
N LEU A 167 20.66 -8.66 10.57
CA LEU A 167 19.53 -8.54 11.48
C LEU A 167 18.90 -7.16 11.28
N PHE A 168 17.60 -7.15 10.99
CA PHE A 168 16.91 -5.92 10.61
C PHE A 168 17.21 -4.75 11.56
N GLU A 169 17.05 -4.97 12.86
CA GLU A 169 17.24 -3.92 13.84
C GLU A 169 18.71 -3.50 13.97
N ASP A 170 19.62 -4.40 13.62
CA ASP A 170 21.05 -4.15 13.76
C ASP A 170 21.68 -3.52 12.52
N VAL A 171 21.09 -3.79 11.35
CA VAL A 171 21.65 -3.30 10.10
C VAL A 171 20.89 -2.09 9.55
N VAL A 172 19.69 -1.87 10.08
CA VAL A 172 18.87 -0.73 9.64
C VAL A 172 18.68 0.27 10.77
N PRO A 173 19.13 1.53 10.54
CA PRO A 173 19.03 2.61 11.51
C PRO A 173 17.60 2.85 11.98
N MET A 174 17.44 3.30 13.23
CA MET A 174 16.12 3.59 13.77
C MET A 174 15.70 5.03 13.49
N ASN A 175 16.67 5.93 13.47
CA ASN A 175 16.40 7.33 13.15
C ASN A 175 15.80 7.47 11.75
N TYR A 176 16.16 6.54 10.87
CA TYR A 176 15.60 6.49 9.53
C TYR A 176 14.17 5.97 9.58
N MET A 177 14.00 4.81 10.21
CA MET A 177 12.70 4.15 10.29
C MET A 177 11.64 5.05 10.94
N VAL A 178 12.10 6.00 11.75
CA VAL A 178 11.19 6.86 12.50
C VAL A 178 10.96 8.21 11.80
N TYR A 179 12.00 9.02 11.73
CA TYR A 179 11.89 10.36 11.15
C TYR A 179 11.64 10.32 9.64
N PHE A 180 12.64 9.88 8.88
CA PHE A 180 12.56 9.85 7.43
C PHE A 180 11.42 8.97 6.93
N ASN A 181 11.47 7.69 7.30
CA ASN A 181 10.49 6.72 6.82
C ASN A 181 9.08 6.96 7.32
N PHE A 182 8.85 6.73 8.61
CA PHE A 182 7.51 6.81 9.18
C PHE A 182 6.87 8.19 9.01
N PHE A 183 7.36 9.17 9.76
CA PHE A 183 6.74 10.49 9.75
C PHE A 183 6.63 11.11 8.36
N ALA A 184 7.74 11.16 7.64
CA ALA A 184 7.79 11.86 6.36
C ALA A 184 7.19 11.06 5.22
N CYS A 185 7.53 9.78 5.14
CA CYS A 185 7.13 8.96 3.99
C CYS A 185 5.88 8.12 4.22
N VAL A 186 5.29 8.24 5.41
CA VAL A 186 4.09 7.47 5.73
C VAL A 186 3.02 8.31 6.42
N LEU A 187 3.36 8.90 7.56
CA LEU A 187 2.42 9.70 8.32
C LEU A 187 1.92 10.90 7.52
N VAL A 188 2.86 11.65 6.93
CA VAL A 188 2.50 12.80 6.11
C VAL A 188 1.56 12.43 4.98
N PRO A 189 1.93 11.42 4.16
CA PRO A 189 1.05 10.97 3.09
C PRO A 189 -0.34 10.61 3.60
N LEU A 190 -0.40 9.82 4.68
CA LEU A 190 -1.67 9.40 5.26
C LEU A 190 -2.47 10.59 5.79
N LEU A 191 -1.78 11.68 6.09
CA LEU A 191 -2.45 12.91 6.53
C LEU A 191 -2.98 13.68 5.33
N LEU A 192 -2.23 13.65 4.24
CA LEU A 192 -2.67 14.25 2.98
C LEU A 192 -3.87 13.48 2.44
N MET A 193 -3.74 12.16 2.39
CA MET A 193 -4.82 11.30 1.92
C MET A 193 -6.11 11.55 2.71
N LEU A 194 -6.00 11.46 4.03
CA LEU A 194 -7.16 11.71 4.89
C LEU A 194 -7.72 13.10 4.62
N GLY A 195 -6.84 14.07 4.47
CA GLY A 195 -7.24 15.44 4.18
C GLY A 195 -7.96 15.55 2.85
N VAL A 196 -7.55 14.71 1.90
CA VAL A 196 -8.19 14.67 0.59
C VAL A 196 -9.63 14.18 0.72
N TYR A 197 -9.80 13.01 1.32
CA TYR A 197 -11.13 12.43 1.52
C TYR A 197 -12.05 13.40 2.26
N LEU A 198 -11.46 14.27 3.07
CA LEU A 198 -12.23 15.27 3.81
C LEU A 198 -12.94 16.21 2.85
N ARG A 199 -12.22 16.65 1.82
CA ARG A 199 -12.79 17.56 0.82
C ARG A 199 -13.70 16.80 -0.14
N ILE A 200 -13.38 15.55 -0.40
CA ILE A 200 -14.18 14.71 -1.31
C ILE A 200 -15.62 14.60 -0.86
N PHE A 201 -15.83 14.03 0.32
CA PHE A 201 -17.17 13.79 0.84
C PHE A 201 -17.85 15.09 1.26
N ALA A 202 -17.07 16.07 1.67
CA ALA A 202 -17.62 17.37 2.04
C ALA A 202 -18.24 18.05 0.82
N ALA A 203 -17.58 17.91 -0.33
CA ALA A 203 -18.07 18.49 -1.57
C ALA A 203 -19.13 17.61 -2.21
N ALA A 204 -18.96 16.30 -2.13
CA ALA A 204 -19.90 15.36 -2.70
C ALA A 204 -21.31 15.57 -2.14
N ARG A 205 -21.39 15.86 -0.85
CA ARG A 205 -22.68 16.10 -0.20
C ARG A 205 -23.23 17.48 -0.55
N ARG A 206 -22.33 18.39 -0.94
CA ARG A 206 -22.74 19.70 -1.41
C ARG A 206 -23.33 19.61 -2.82
N GLN A 207 -22.77 18.70 -3.62
CA GLN A 207 -23.28 18.44 -4.96
C GLN A 207 -24.73 17.97 -4.87
N LEU A 208 -24.98 17.06 -3.92
CA LEU A 208 -26.31 16.51 -3.73
C LEU A 208 -27.28 17.56 -3.20
N LYS A 209 -26.76 18.55 -2.49
CA LYS A 209 -27.60 19.63 -1.96
C LYS A 209 -28.01 20.60 -3.06
N GLN A 210 -27.09 20.89 -3.96
CA GLN A 210 -27.39 21.75 -5.12
C GLN A 210 -28.36 21.03 -6.04
N MET A 211 -28.22 19.71 -6.10
CA MET A 211 -29.13 18.88 -6.90
C MET A 211 -30.41 18.59 -6.13
N GLU A 212 -30.43 19.02 -4.86
CA GLU A 212 -31.63 18.86 -4.03
C GLU A 212 -32.55 20.04 -4.24
N SER A 213 -32.00 21.13 -4.77
CA SER A 213 -32.78 22.34 -5.05
C SER A 213 -32.79 22.65 -6.54
N GLN A 214 -32.86 21.60 -7.35
CA GLN A 214 -32.91 21.76 -8.80
C GLN A 214 -34.32 21.58 -9.34
N PRO A 215 -34.74 22.46 -10.26
CA PRO A 215 -36.08 22.44 -10.87
C PRO A 215 -36.29 21.25 -11.81
N LEU A 216 -35.44 20.23 -11.71
CA LEU A 216 -35.56 19.06 -12.58
C LEU A 216 -35.08 17.78 -11.89
N PRO A 217 -35.61 16.63 -12.31
CA PRO A 217 -35.20 15.33 -11.77
C PRO A 217 -33.71 15.07 -11.94
N GLY A 218 -33.28 14.79 -13.17
CA GLY A 218 -31.89 14.55 -13.47
C GLY A 218 -31.26 13.48 -12.59
N GLU A 219 -31.83 12.28 -12.63
CA GLU A 219 -31.30 11.16 -11.85
C GLU A 219 -30.04 10.59 -12.49
N ARG A 220 -29.75 11.03 -13.71
CA ARG A 220 -28.51 10.63 -14.38
C ARG A 220 -27.31 11.18 -13.64
N ALA A 221 -27.40 12.44 -13.23
CA ALA A 221 -26.33 13.08 -12.49
C ALA A 221 -26.24 12.54 -11.07
N ARG A 222 -27.39 12.29 -10.46
CA ARG A 222 -27.44 11.73 -9.10
C ARG A 222 -26.88 10.32 -9.08
N SER A 223 -27.35 9.47 -10.00
CA SER A 223 -26.90 8.10 -10.07
C SER A 223 -25.40 8.01 -10.32
N THR A 224 -24.89 8.88 -11.18
CA THR A 224 -23.47 8.93 -11.49
C THR A 224 -22.68 9.44 -10.29
N LEU A 225 -23.20 10.47 -9.65
CA LEU A 225 -22.57 11.06 -8.47
C LEU A 225 -22.46 10.02 -7.36
N GLN A 226 -23.55 9.32 -7.11
CA GLN A 226 -23.58 8.30 -6.06
C GLN A 226 -22.66 7.13 -6.37
N LYS A 227 -22.42 6.89 -7.66
CA LYS A 227 -21.51 5.82 -8.08
C LYS A 227 -20.06 6.29 -8.01
N GLU A 228 -19.86 7.59 -8.20
CA GLU A 228 -18.53 8.18 -8.06
C GLU A 228 -18.14 8.26 -6.59
N VAL A 229 -19.15 8.45 -5.74
CA VAL A 229 -18.93 8.48 -4.29
C VAL A 229 -18.70 7.08 -3.75
N HIS A 230 -19.43 6.11 -4.29
CA HIS A 230 -19.27 4.73 -3.88
C HIS A 230 -17.86 4.23 -4.19
N ALA A 231 -17.28 4.72 -5.27
CA ALA A 231 -15.92 4.38 -5.64
C ALA A 231 -14.93 5.11 -4.74
N ALA A 232 -15.24 6.37 -4.43
CA ALA A 232 -14.40 7.17 -3.56
C ALA A 232 -14.39 6.61 -2.14
N LYS A 233 -15.53 6.08 -1.72
CA LYS A 233 -15.65 5.47 -0.40
C LYS A 233 -14.89 4.15 -0.34
N SER A 234 -15.03 3.35 -1.39
CA SER A 234 -14.30 2.09 -1.49
C SER A 234 -12.80 2.33 -1.44
N ALA A 235 -12.36 3.39 -2.10
CA ALA A 235 -10.94 3.75 -2.10
C ALA A 235 -10.50 4.18 -0.71
N ALA A 236 -11.41 4.83 0.02
CA ALA A 236 -11.14 5.26 1.38
C ALA A 236 -10.97 4.07 2.30
N ILE A 237 -11.73 3.01 2.05
CA ILE A 237 -11.65 1.81 2.86
C ILE A 237 -10.35 1.07 2.61
N ILE A 238 -9.88 1.10 1.37
CA ILE A 238 -8.60 0.48 1.01
C ILE A 238 -7.46 1.18 1.73
N ALA A 239 -7.47 2.51 1.71
CA ALA A 239 -6.44 3.31 2.35
C ALA A 239 -6.51 3.17 3.87
N GLY A 240 -7.73 3.18 4.40
CA GLY A 240 -7.94 3.05 5.82
C GLY A 240 -7.32 1.78 6.39
N LEU A 241 -7.47 0.68 5.65
CA LEU A 241 -6.92 -0.59 6.08
C LEU A 241 -5.40 -0.62 6.02
N PHE A 242 -4.82 0.29 5.23
CA PHE A 242 -3.37 0.38 5.11
C PHE A 242 -2.78 0.91 6.42
N ALA A 243 -3.20 2.10 6.82
CA ALA A 243 -2.75 2.70 8.06
C ALA A 243 -3.10 1.80 9.24
N LEU A 244 -4.24 1.14 9.15
CA LEU A 244 -4.72 0.26 10.22
C LEU A 244 -3.82 -0.96 10.40
N CYS A 245 -3.09 -1.32 9.34
CA CYS A 245 -2.25 -2.52 9.36
C CYS A 245 -0.77 -2.17 9.48
N TRP A 246 -0.45 -0.89 9.39
CA TRP A 246 0.94 -0.46 9.45
C TRP A 246 1.24 0.41 10.68
N LEU A 247 0.25 1.16 11.15
CA LEU A 247 0.42 1.99 12.33
C LEU A 247 0.94 1.20 13.53
N PRO A 248 0.28 0.08 13.86
CA PRO A 248 0.73 -0.74 15.00
C PRO A 248 2.21 -1.04 14.93
N LEU A 249 2.68 -1.45 13.75
CA LEU A 249 4.09 -1.77 13.56
C LEU A 249 4.99 -0.54 13.75
N HIS A 250 4.54 0.61 13.27
CA HIS A 250 5.30 1.85 13.43
C HIS A 250 5.19 2.36 14.87
N ILE A 251 3.99 2.26 15.43
CA ILE A 251 3.75 2.65 16.82
C ILE A 251 4.73 1.93 17.74
N ILE A 252 4.97 0.66 17.46
CA ILE A 252 5.93 -0.13 18.21
C ILE A 252 7.33 0.49 18.15
N ASN A 253 7.75 0.88 16.94
CA ASN A 253 9.07 1.46 16.74
C ASN A 253 9.18 2.86 17.35
N CYS A 254 8.06 3.55 17.47
CA CYS A 254 8.05 4.87 18.09
C CYS A 254 8.30 4.77 19.59
N PHE A 255 7.80 3.70 20.19
CA PHE A 255 8.01 3.44 21.61
C PHE A 255 9.48 3.07 21.88
N THR A 256 10.01 2.19 21.05
CA THR A 256 11.39 1.72 21.20
C THR A 256 12.40 2.86 21.05
N PHE A 257 12.18 3.70 20.04
CA PHE A 257 13.10 4.79 19.74
C PHE A 257 12.96 5.96 20.73
N PHE A 258 11.83 6.64 20.67
CA PHE A 258 11.60 7.82 21.50
C PHE A 258 11.71 7.52 22.99
N CYS A 259 11.44 6.29 23.36
CA CYS A 259 11.51 5.88 24.76
C CYS A 259 12.36 4.64 24.95
N PRO A 260 13.69 4.82 25.08
CA PRO A 260 14.62 3.71 25.29
C PRO A 260 14.30 2.97 26.58
N ASP A 261 13.67 3.66 27.53
CA ASP A 261 13.28 3.04 28.78
C ASP A 261 12.10 2.10 28.57
N CYS A 262 11.15 2.51 27.75
CA CYS A 262 9.97 1.72 27.45
C CYS A 262 10.36 0.32 26.98
N SER A 263 9.95 -0.69 27.76
CA SER A 263 10.29 -2.08 27.46
C SER A 263 10.21 -2.38 25.97
N HIS A 264 11.35 -2.69 25.37
CA HIS A 264 11.40 -3.00 23.95
C HIS A 264 10.39 -4.11 23.63
N ALA A 265 9.57 -3.86 22.61
CA ALA A 265 8.51 -4.79 22.23
C ALA A 265 9.03 -6.23 22.09
N PRO A 266 8.34 -7.18 22.73
CA PRO A 266 8.69 -8.60 22.68
C PRO A 266 8.65 -9.12 21.24
N LEU A 267 9.14 -10.35 21.03
CA LEU A 267 9.18 -10.93 19.70
C LEU A 267 7.81 -11.48 19.28
N TRP A 268 7.10 -12.06 20.23
CA TRP A 268 5.77 -12.61 19.95
C TRP A 268 4.79 -11.50 19.61
N LEU A 269 5.10 -10.29 20.03
CA LEU A 269 4.28 -9.12 19.70
C LEU A 269 4.86 -8.42 18.48
N MET A 270 6.15 -8.62 18.24
CA MET A 270 6.82 -8.02 17.10
C MET A 270 6.34 -8.63 15.79
N TYR A 271 6.34 -9.96 15.72
CA TYR A 271 5.93 -10.66 14.51
C TYR A 271 4.47 -10.36 14.18
N LEU A 272 3.65 -10.22 15.22
CA LEU A 272 2.23 -9.96 15.05
C LEU A 272 2.02 -8.67 14.26
N ALA A 273 2.85 -7.67 14.55
CA ALA A 273 2.79 -6.39 13.85
C ALA A 273 3.37 -6.53 12.45
N ILE A 274 4.30 -7.47 12.29
CA ILE A 274 4.91 -7.75 11.00
C ILE A 274 3.95 -8.54 10.11
N VAL A 275 3.31 -9.55 10.69
CA VAL A 275 2.33 -10.35 9.98
C VAL A 275 1.13 -9.48 9.60
N LEU A 276 0.77 -8.56 10.51
CA LEU A 276 -0.34 -7.66 10.26
C LEU A 276 -0.10 -6.82 9.00
N ALA A 277 1.14 -6.40 8.81
CA ALA A 277 1.50 -5.60 7.64
C ALA A 277 1.45 -6.44 6.37
N HIS A 278 1.83 -7.71 6.48
CA HIS A 278 1.82 -8.62 5.34
C HIS A 278 0.40 -9.01 4.95
N THR A 279 -0.53 -8.81 5.87
CA THR A 279 -1.93 -9.15 5.64
C THR A 279 -2.61 -8.12 4.74
N ASN A 280 -2.11 -6.88 4.78
CA ASN A 280 -2.69 -5.79 4.02
C ASN A 280 -2.79 -6.10 2.52
N SER A 281 -1.78 -6.79 1.99
CA SER A 281 -1.74 -7.11 0.58
C SER A 281 -2.87 -8.06 0.18
N VAL A 282 -3.44 -8.74 1.16
CA VAL A 282 -4.46 -9.76 0.91
C VAL A 282 -5.89 -9.21 0.90
N VAL A 283 -6.14 -8.19 1.71
CA VAL A 283 -7.48 -7.65 1.88
C VAL A 283 -8.05 -7.00 0.62
N ASN A 284 -7.16 -6.49 -0.23
CA ASN A 284 -7.58 -5.78 -1.44
C ASN A 284 -8.44 -6.62 -2.39
N PRO A 285 -7.92 -7.77 -2.83
CA PRO A 285 -8.69 -8.62 -3.75
C PRO A 285 -10.09 -8.91 -3.22
N PHE A 286 -10.21 -9.05 -1.90
CA PHE A 286 -11.50 -9.34 -1.27
C PHE A 286 -12.34 -8.09 -1.11
N ILE A 287 -11.68 -6.94 -0.97
CA ILE A 287 -12.40 -5.68 -0.80
C ILE A 287 -12.96 -5.20 -2.14
N TYR A 288 -12.41 -5.73 -3.24
CA TYR A 288 -12.91 -5.42 -4.57
C TYR A 288 -14.12 -6.29 -4.89
N ALA A 289 -13.99 -7.58 -4.61
CA ALA A 289 -15.08 -8.53 -4.84
C ALA A 289 -16.31 -8.19 -4.01
N TYR A 290 -16.11 -7.49 -2.90
CA TYR A 290 -17.23 -7.14 -2.02
C TYR A 290 -17.82 -5.76 -2.36
N ARG A 291 -16.95 -4.76 -2.47
CA ARG A 291 -17.39 -3.39 -2.71
C ARG A 291 -17.86 -3.16 -4.15
N ILE A 292 -17.08 -3.66 -5.11
CA ILE A 292 -17.41 -3.45 -6.51
C ILE A 292 -18.15 -4.64 -7.11
N ARG A 293 -19.43 -4.42 -7.45
CA ARG A 293 -20.26 -5.45 -8.05
C ARG A 293 -19.77 -5.83 -9.45
N GLU A 294 -18.97 -4.95 -10.05
CA GLU A 294 -18.39 -5.21 -11.36
C GLU A 294 -17.23 -6.20 -11.26
N PHE A 295 -16.48 -6.11 -10.17
CA PHE A 295 -15.33 -6.97 -9.96
C PHE A 295 -15.72 -8.40 -9.60
N ARG A 296 -16.60 -8.54 -8.61
CA ARG A 296 -17.01 -9.87 -8.13
C ARG A 296 -17.55 -10.75 -9.24
N GLN A 297 -18.26 -10.15 -10.19
CA GLN A 297 -18.83 -10.89 -11.30
C GLN A 297 -17.75 -11.29 -12.30
N THR A 298 -16.74 -10.45 -12.45
CA THR A 298 -15.62 -10.74 -13.33
C THR A 298 -14.85 -11.95 -12.83
N PHE A 299 -14.51 -11.93 -11.55
CA PHE A 299 -13.80 -13.04 -10.92
C PHE A 299 -14.63 -14.32 -11.02
N ARG A 300 -15.91 -14.21 -10.69
CA ARG A 300 -16.83 -15.34 -10.70
C ARG A 300 -16.76 -16.09 -12.03
N LYS A 301 -16.57 -15.34 -13.11
CA LYS A 301 -16.48 -15.93 -14.44
C LYS A 301 -15.14 -16.64 -14.65
N ILE A 302 -14.06 -15.99 -14.26
CA ILE A 302 -12.72 -16.55 -14.44
C ILE A 302 -12.58 -17.90 -13.74
N ILE A 303 -13.03 -17.96 -12.48
CA ILE A 303 -12.93 -19.18 -11.69
C ILE A 303 -13.68 -20.33 -12.33
N ARG A 304 -14.96 -20.11 -12.65
CA ARG A 304 -15.78 -21.13 -13.28
C ARG A 304 -15.17 -21.62 -14.58
N SER A 305 -14.82 -20.68 -15.46
CA SER A 305 -14.23 -21.01 -16.75
C SER A 305 -12.71 -20.93 -16.70
#